data_4O4B
#
_entry.id   4O4B
#
_cell.length_a   117.626
_cell.length_b   51.980
_cell.length_c   117.328
_cell.angle_alpha   90.00
_cell.angle_beta   90.00
_cell.angle_gamma   90.00
#
_symmetry.space_group_name_H-M   'P 21 21 21'
#
loop_
_entity.id
_entity.type
_entity.pdbx_description
1 polymer 'Extracellular solute-binding protein family 1'
2 polymer 'Inositol hexakisphosphate kinase'
3 water water
#
loop_
_entity_poly.entity_id
_entity_poly.type
_entity_poly.pdbx_seq_one_letter_code
_entity_poly.pdbx_strand_id
1 'polypeptide(L)'
;MRSHHHHHHGKIEEGKLVIWINGDKGYNGLAEVGKKFEKDTGIKVTVEHPDKLEEKFPQVAATGDGPDIIFWAHDRFGGY
AQSGLLAEITPDKAFQDKLYPFTWDAVRYNGKLIAYPIAVEALSLIYNKDLLPNPPKTWEEIPALDKELKAKGKSALMFN
LQEPYFTWPLIAADGGYAFKYENGKYDIKDVGVDNAGAKAGLTFLVDLIKNKHMNADTDYSIAEAAFNKGETAMTINGPW
AWSNIDTSKVNYGVTVLPTFKGQPSKPFVGVLSAGINAASPNKELAKEFLENYLLTDEGLEAVNKDKPLGAVALKSYEEE
LAKDPRIAATMENAQKGEIMPNIPQMSAFWYAVRTAVINAASGRQTVDEALKDAQTNSGSDITSLYKKAGSAAAVL
;
A
2 'polypeptide(L)'
;EENLYFQGSFTDGQYLLKPCLSHRERDFYLHIKDDKEWTGTGIIPKFYGVELHEFGFGELEFIRMENLMYKYKRPFVLDL
KIGTQTWDPETASSKMKKRLVVDSTSTTTSLGVRFSGMERNIGEEKPILYSRYLCTHEVNTRDSLKEYIKLFFNDGKKYR
KELVPYFISQLDKMIEVMKKREYKMFSSSVLFVYDSTTTLEDKKYNCKMIDFAHNWILSEEECTVEDGFLFGLNNLKSIL
EDIENEFKSL
;
B
#
# COMPACT_ATOMS: atom_id res chain seq x y z
N LYS A 11 19.91 -13.89 23.60
CA LYS A 11 21.22 -14.09 24.30
C LYS A 11 22.04 -12.78 24.33
N ILE A 12 21.40 -11.69 24.74
CA ILE A 12 22.06 -10.38 24.83
C ILE A 12 22.89 -10.34 26.10
N GLU A 13 24.17 -9.97 25.95
CA GLU A 13 25.09 -9.93 27.08
C GLU A 13 24.73 -8.79 28.04
N GLU A 14 24.67 -9.13 29.31
CA GLU A 14 24.37 -8.17 30.37
C GLU A 14 25.64 -7.39 30.71
N GLY A 15 25.47 -6.13 31.12
CA GLY A 15 26.59 -5.29 31.53
C GLY A 15 27.33 -4.60 30.40
N LYS A 16 26.70 -4.50 29.24
CA LYS A 16 27.21 -3.67 28.15
C LYS A 16 26.08 -3.22 27.23
N LEU A 17 26.39 -2.26 26.36
CA LEU A 17 25.41 -1.77 25.39
C LEU A 17 25.94 -1.98 23.97
N VAL A 18 25.14 -2.65 23.16
CA VAL A 18 25.38 -2.74 21.72
C VAL A 18 24.30 -1.90 21.03
N ILE A 19 24.74 -0.99 20.16
CA ILE A 19 23.84 -0.07 19.49
C ILE A 19 23.92 -0.30 17.98
N TRP A 20 22.76 -0.41 17.34
CA TRP A 20 22.67 -0.54 15.90
C TRP A 20 22.17 0.75 15.26
N ILE A 21 22.93 1.26 14.30
CA ILE A 21 22.59 2.48 13.58
C ILE A 21 23.07 2.38 12.12
N ASN A 22 22.34 3.00 11.20
CA ASN A 22 22.62 2.86 9.77
C ASN A 22 23.95 3.50 9.37
N GLY A 23 24.60 2.92 8.35
CA GLY A 23 25.94 3.33 7.92
C GLY A 23 26.08 4.74 7.38
N ASP A 24 24.96 5.36 7.00
CA ASP A 24 24.99 6.77 6.54
C ASP A 24 24.81 7.77 7.69
N LYS A 25 24.73 7.28 8.93
CA LYS A 25 24.63 8.14 10.11
C LYS A 25 26.01 8.39 10.71
N GLY A 26 26.09 9.28 11.68
CA GLY A 26 27.37 9.62 12.32
C GLY A 26 27.74 8.63 13.41
N TYR A 27 28.03 7.40 13.01
CA TYR A 27 28.26 6.31 13.97
C TYR A 27 29.59 6.43 14.73
N ASN A 28 30.58 7.09 14.13
CA ASN A 28 31.83 7.38 14.83
C ASN A 28 31.63 8.45 15.92
N GLY A 29 30.73 9.40 15.66
CA GLY A 29 30.35 10.39 16.66
C GLY A 29 29.61 9.75 17.82
N LEU A 30 28.65 8.88 17.50
CA LEU A 30 27.91 8.14 18.52
C LEU A 30 28.83 7.26 19.38
N ALA A 31 29.85 6.68 18.75
CA ALA A 31 30.87 5.90 19.49
C ALA A 31 31.65 6.74 20.49
N GLU A 32 31.90 8.01 20.16
CA GLU A 32 32.55 8.95 21.09
C GLU A 32 31.66 9.22 22.31
N VAL A 33 30.35 9.30 22.09
CA VAL A 33 29.41 9.42 23.21
C VAL A 33 29.46 8.13 24.04
N GLY A 34 29.54 7.00 23.35
CA GLY A 34 29.72 5.70 23.99
C GLY A 34 30.98 5.59 24.83
N LYS A 35 32.08 6.19 24.35
CA LYS A 35 33.33 6.19 25.11
C LYS A 35 33.22 7.05 26.37
N LYS A 36 32.52 8.16 26.26
CA LYS A 36 32.26 9.03 27.42
C LYS A 36 31.42 8.29 28.48
N PHE A 37 30.44 7.54 28.02
CA PHE A 37 29.63 6.67 28.90
C PHE A 37 30.50 5.63 29.59
N GLU A 38 31.37 4.98 28.84
CA GLU A 38 32.27 3.97 29.39
C GLU A 38 33.22 4.55 30.46
N LYS A 39 33.73 5.75 30.21
CA LYS A 39 34.62 6.44 31.15
C LYS A 39 33.96 6.67 32.51
N ASP A 40 32.68 7.02 32.50
CA ASP A 40 31.92 7.27 33.73
C ASP A 40 31.43 6.01 34.44
N THR A 41 30.96 5.05 33.66
CA THR A 41 30.24 3.88 34.18
C THR A 41 31.07 2.60 34.22
N GLY A 42 32.10 2.53 33.39
CA GLY A 42 32.85 1.28 33.18
C GLY A 42 32.12 0.30 32.28
N ILE A 43 31.06 0.77 31.61
CA ILE A 43 30.25 -0.08 30.73
C ILE A 43 30.65 0.16 29.28
N LYS A 44 31.12 -0.90 28.63
CA LYS A 44 31.56 -0.81 27.24
C LYS A 44 30.37 -0.62 26.30
N VAL A 45 30.48 0.35 25.41
CA VAL A 45 29.45 0.61 24.40
C VAL A 45 30.04 0.32 23.03
N THR A 46 29.35 -0.53 22.27
CA THR A 46 29.79 -0.89 20.92
C THR A 46 28.75 -0.43 19.91
N VAL A 47 29.16 0.47 19.02
CA VAL A 47 28.32 0.95 17.94
C VAL A 47 28.64 0.15 16.70
N GLU A 48 27.62 -0.43 16.07
CA GLU A 48 27.77 -1.19 14.83
C GLU A 48 26.82 -0.66 13.76
N HIS A 49 27.21 -0.85 12.50
CA HIS A 49 26.40 -0.41 11.36
C HIS A 49 26.29 -1.50 10.29
N PRO A 50 25.59 -2.60 10.63
CA PRO A 50 25.48 -3.73 9.71
C PRO A 50 24.54 -3.44 8.55
N ASP A 51 24.74 -4.13 7.43
CA ASP A 51 23.90 -3.96 6.25
C ASP A 51 22.48 -4.40 6.55
N LYS A 52 21.51 -3.63 6.07
CA LYS A 52 20.10 -3.98 6.17
C LYS A 52 19.73 -4.39 7.60
N LEU A 53 20.10 -3.54 8.55
CA LEU A 53 19.85 -3.80 9.97
C LEU A 53 18.35 -3.72 10.29
N GLU A 54 17.63 -2.89 9.54
CA GLU A 54 16.18 -2.74 9.69
C GLU A 54 15.43 -4.04 9.36
N GLU A 55 16.05 -4.87 8.53
CA GLU A 55 15.52 -6.19 8.21
C GLU A 55 16.03 -7.21 9.23
N LYS A 56 17.32 -7.12 9.56
CA LYS A 56 17.92 -8.02 10.55
C LYS A 56 17.29 -7.91 11.94
N PHE A 57 17.02 -6.68 12.40
CA PHE A 57 16.53 -6.46 13.75
C PHE A 57 15.25 -7.25 14.10
N PRO A 58 14.19 -7.13 13.27
CA PRO A 58 12.99 -7.90 13.58
C PRO A 58 13.20 -9.42 13.54
N GLN A 59 14.13 -9.87 12.69
CA GLN A 59 14.49 -11.29 12.62
C GLN A 59 15.24 -11.70 13.89
N VAL A 60 16.33 -10.99 14.16
CA VAL A 60 17.23 -11.34 15.25
C VAL A 60 16.63 -11.06 16.63
N ALA A 61 15.85 -9.99 16.75
CA ALA A 61 15.21 -9.63 18.03
C ALA A 61 14.11 -10.62 18.42
N ALA A 62 13.49 -11.25 17.43
CA ALA A 62 12.46 -12.27 17.67
C ALA A 62 13.03 -13.48 18.44
N THR A 63 14.28 -13.82 18.15
CA THR A 63 15.01 -14.85 18.91
C THR A 63 15.22 -14.40 20.35
N GLY A 64 15.46 -13.10 20.52
CA GLY A 64 15.78 -12.52 21.82
C GLY A 64 17.22 -12.04 21.89
N ASP A 65 17.82 -11.85 20.71
CA ASP A 65 19.22 -11.42 20.58
C ASP A 65 19.32 -10.29 19.55
N GLY A 66 20.45 -9.60 19.52
CA GLY A 66 20.62 -8.39 18.71
C GLY A 66 20.98 -7.21 19.59
N PRO A 67 20.68 -5.98 19.13
CA PRO A 67 21.14 -4.80 19.85
C PRO A 67 20.29 -4.45 21.07
N ASP A 68 20.89 -3.75 22.02
CA ASP A 68 20.16 -3.15 23.13
C ASP A 68 19.32 -1.97 22.63
N ILE A 69 19.95 -1.16 21.78
CA ILE A 69 19.32 0.04 21.23
C ILE A 69 19.39 -0.02 19.72
N ILE A 70 18.27 0.31 19.06
CA ILE A 70 18.21 0.45 17.61
C ILE A 70 17.75 1.85 17.21
N PHE A 71 18.45 2.42 16.24
CA PHE A 71 18.14 3.74 15.66
C PHE A 71 17.51 3.57 14.28
N TRP A 72 16.31 4.11 14.09
CA TRP A 72 15.65 4.12 12.76
C TRP A 72 14.47 5.08 12.75
N ALA A 73 14.02 5.45 11.56
CA ALA A 73 12.81 6.27 11.40
C ALA A 73 11.63 5.66 12.15
N HIS A 74 10.77 6.51 12.71
CA HIS A 74 9.72 6.07 13.64
C HIS A 74 8.61 5.22 13.00
N ASP A 75 8.39 5.40 11.70
CA ASP A 75 7.36 4.62 10.99
C ASP A 75 7.62 3.12 11.10
N ARG A 76 8.88 2.74 10.96
CA ARG A 76 9.33 1.34 11.06
C ARG A 76 9.19 0.74 12.46
N PHE A 77 9.25 1.59 13.49
CA PHE A 77 9.18 1.14 14.88
C PHE A 77 7.79 0.68 15.32
N GLY A 78 6.75 1.10 14.59
CA GLY A 78 5.39 0.64 14.88
C GLY A 78 5.24 -0.85 14.64
N GLY A 79 5.82 -1.33 13.54
CA GLY A 79 5.85 -2.77 13.23
C GLY A 79 6.69 -3.54 14.23
N TYR A 80 7.79 -2.94 14.68
CA TYR A 80 8.64 -3.53 15.72
C TYR A 80 7.86 -3.68 17.03
N ALA A 81 7.11 -2.64 17.40
CA ALA A 81 6.29 -2.64 18.62
C ALA A 81 5.07 -3.55 18.50
N GLN A 82 4.58 -3.74 17.28
CA GLN A 82 3.48 -4.65 17.04
C GLN A 82 3.90 -6.07 17.44
N SER A 83 5.09 -6.45 17.00
CA SER A 83 5.67 -7.76 17.32
C SER A 83 6.27 -7.85 18.74
N GLY A 84 6.14 -6.78 19.52
CA GLY A 84 6.61 -6.77 20.92
C GLY A 84 8.12 -6.76 21.07
N LEU A 85 8.80 -6.14 20.10
CA LEU A 85 10.26 -6.16 20.07
C LEU A 85 10.88 -4.93 20.75
N LEU A 86 10.05 -3.99 21.18
CA LEU A 86 10.52 -2.72 21.76
C LEU A 86 9.96 -2.51 23.17
N ALA A 87 10.83 -2.11 24.09
CA ALA A 87 10.43 -1.85 25.47
C ALA A 87 9.74 -0.51 25.56
N GLU A 88 8.81 -0.40 26.51
CA GLU A 88 8.19 0.89 26.80
C GLU A 88 9.21 1.75 27.55
N ILE A 89 9.44 2.96 27.04
CA ILE A 89 10.38 3.89 27.67
C ILE A 89 9.67 4.72 28.75
N THR A 90 10.45 5.22 29.69
CA THR A 90 9.90 5.83 30.91
C THR A 90 10.49 7.20 31.23
N PRO A 91 10.55 8.11 30.24
CA PRO A 91 11.04 9.44 30.56
C PRO A 91 10.06 10.19 31.46
N ASP A 92 10.57 10.83 32.51
CA ASP A 92 9.72 11.61 33.40
C ASP A 92 9.29 12.91 32.72
N LYS A 93 8.42 13.67 33.39
CA LYS A 93 7.82 14.85 32.78
C LYS A 93 8.88 15.88 32.41
N ALA A 94 9.87 16.06 33.27
CA ALA A 94 10.95 16.99 33.02
C ALA A 94 11.67 16.67 31.70
N PHE A 95 11.99 15.40 31.49
CA PHE A 95 12.69 15.03 30.26
C PHE A 95 11.83 15.26 29.01
N GLN A 96 10.56 14.89 29.12
CA GLN A 96 9.63 15.05 27.99
C GLN A 96 9.53 16.52 27.56
N ASP A 97 9.60 17.44 28.52
CA ASP A 97 9.58 18.88 28.24
C ASP A 97 10.81 19.39 27.49
N LYS A 98 11.90 18.62 27.46
CA LYS A 98 13.11 19.00 26.70
C LYS A 98 13.02 18.75 25.19
N LEU A 99 12.03 17.95 24.77
CA LEU A 99 11.83 17.62 23.35
C LEU A 99 10.51 18.21 22.83
N TYR A 100 10.48 18.56 21.53
CA TYR A 100 9.28 19.13 20.95
C TYR A 100 8.12 18.14 21.06
N PRO A 101 6.95 18.62 21.54
CA PRO A 101 5.79 17.75 21.77
C PRO A 101 5.44 16.83 20.60
N PHE A 102 5.48 17.36 19.38
CA PHE A 102 5.08 16.58 18.21
C PHE A 102 5.98 15.38 17.97
N THR A 103 7.23 15.45 18.42
CA THR A 103 8.16 14.33 18.24
C THR A 103 7.78 13.14 19.13
N TRP A 104 7.15 13.41 20.26
CA TRP A 104 6.65 12.34 21.14
C TRP A 104 5.45 11.62 20.53
N ASP A 105 4.57 12.37 19.87
CA ASP A 105 3.46 11.77 19.12
C ASP A 105 3.97 10.75 18.10
N ALA A 106 5.17 10.96 17.58
CA ALA A 106 5.77 10.08 16.58
C ALA A 106 6.28 8.75 17.13
N VAL A 107 6.50 8.67 18.45
CA VAL A 107 7.05 7.48 19.08
C VAL A 107 6.04 6.80 20.01
N ARG A 108 4.77 7.12 19.83
CA ARG A 108 3.70 6.54 20.62
C ARG A 108 3.04 5.43 19.78
N TYR A 109 2.84 4.26 20.39
CA TYR A 109 2.23 3.12 19.70
C TYR A 109 1.36 2.36 20.67
N ASN A 110 0.08 2.22 20.35
CA ASN A 110 -0.92 1.66 21.27
C ASN A 110 -0.99 2.42 22.61
N GLY A 111 -0.76 3.73 22.56
CA GLY A 111 -0.83 4.58 23.75
C GLY A 111 0.44 4.70 24.57
N LYS A 112 1.45 3.87 24.28
CA LYS A 112 2.70 3.89 25.04
C LYS A 112 3.88 4.41 24.21
N LEU A 113 4.81 5.07 24.90
CA LEU A 113 6.03 5.57 24.26
C LEU A 113 7.00 4.41 24.07
N ILE A 114 7.49 4.25 22.84
CA ILE A 114 8.35 3.10 22.52
C ILE A 114 9.70 3.45 21.90
N ALA A 115 10.07 4.73 21.94
CA ALA A 115 11.39 5.18 21.49
C ALA A 115 11.64 6.62 21.87
N TYR A 116 12.91 7.01 21.84
CA TYR A 116 13.32 8.40 22.09
C TYR A 116 13.53 9.09 20.75
N PRO A 117 12.80 10.20 20.50
CA PRO A 117 13.08 10.99 19.29
C PRO A 117 14.49 11.58 19.27
N ILE A 118 15.14 11.55 18.11
CA ILE A 118 16.50 12.07 17.96
C ILE A 118 16.58 13.20 16.93
N ALA A 119 16.09 12.95 15.72
CA ALA A 119 16.17 13.93 14.63
C ALA A 119 14.85 14.01 13.88
N VAL A 120 14.62 15.14 13.22
CA VAL A 120 13.38 15.40 12.52
C VAL A 120 13.70 15.70 11.07
N GLU A 121 13.06 15.00 10.15
CA GLU A 121 13.28 15.27 8.72
C GLU A 121 11.98 15.51 7.98
N ALA A 122 12.06 16.41 7.01
CA ALA A 122 10.92 16.81 6.19
C ALA A 122 11.46 17.41 4.91
N LEU A 123 10.68 17.29 3.83
CA LEU A 123 11.03 17.93 2.56
C LEU A 123 10.92 19.45 2.65
N SER A 124 11.79 20.13 1.91
CA SER A 124 11.65 21.56 1.68
C SER A 124 11.83 21.87 0.20
N LEU A 125 11.53 23.11 -0.16
CA LEU A 125 11.83 23.65 -1.49
C LEU A 125 13.29 24.10 -1.51
N ILE A 126 14.07 23.53 -2.42
CA ILE A 126 15.47 23.87 -2.59
C ILE A 126 15.56 24.63 -3.91
N TYR A 127 16.15 25.82 -3.89
CA TYR A 127 16.15 26.66 -5.08
C TYR A 127 17.54 27.25 -5.34
N ASN A 128 17.79 27.53 -6.62
CA ASN A 128 19.04 28.07 -7.11
C ASN A 128 18.94 29.60 -7.08
N LYS A 129 19.71 30.22 -6.19
CA LYS A 129 19.63 31.67 -5.94
C LYS A 129 20.01 32.50 -7.16
N ASP A 130 20.89 31.95 -7.97
CA ASP A 130 21.37 32.62 -9.15
C ASP A 130 20.33 32.63 -10.23
N LEU A 131 19.62 31.53 -10.39
CA LEU A 131 18.55 31.45 -11.35
C LEU A 131 17.25 32.04 -10.86
N LEU A 132 16.98 31.96 -9.56
CA LEU A 132 15.71 32.45 -9.02
C LEU A 132 15.86 33.06 -7.64
N PRO A 133 16.33 34.29 -7.53
CA PRO A 133 16.49 34.85 -6.19
C PRO A 133 15.21 34.99 -5.35
N ASN A 134 14.08 35.05 -6.01
CA ASN A 134 12.78 35.17 -5.34
C ASN A 134 11.89 33.99 -5.73
N PRO A 135 12.12 32.84 -5.08
CA PRO A 135 11.36 31.65 -5.40
C PRO A 135 9.87 31.81 -5.11
N PRO A 136 9.02 31.08 -5.84
CA PRO A 136 7.57 31.29 -5.76
C PRO A 136 6.97 30.80 -4.45
N LYS A 137 5.97 31.52 -3.96
CA LYS A 137 5.29 31.14 -2.73
C LYS A 137 4.14 30.16 -2.98
N THR A 138 3.69 30.10 -4.24
CA THR A 138 2.55 29.27 -4.61
C THR A 138 2.93 28.32 -5.73
N TRP A 139 2.30 27.14 -5.72
CA TRP A 139 2.37 26.21 -6.85
C TRP A 139 1.79 26.84 -8.11
N GLU A 140 0.71 27.62 -7.94
CA GLU A 140 -0.01 28.20 -9.07
C GLU A 140 0.86 29.07 -9.99
N GLU A 141 1.92 29.66 -9.47
CA GLU A 141 2.77 30.53 -10.28
C GLU A 141 3.92 29.80 -10.99
N ILE A 142 4.05 28.50 -10.73
CA ILE A 142 5.13 27.73 -11.35
C ILE A 142 5.02 27.57 -12.88
N PRO A 143 3.80 27.32 -13.41
CA PRO A 143 3.70 27.28 -14.87
C PRO A 143 4.22 28.52 -15.59
N ALA A 144 3.82 29.70 -15.12
CA ALA A 144 4.31 30.95 -15.70
C ALA A 144 5.83 31.10 -15.51
N LEU A 145 6.32 30.67 -14.35
CA LEU A 145 7.74 30.75 -14.06
C LEU A 145 8.53 29.83 -14.99
N ASP A 146 8.04 28.62 -15.19
CA ASP A 146 8.69 27.69 -16.12
C ASP A 146 8.75 28.24 -17.55
N LYS A 147 7.67 28.90 -17.98
CA LYS A 147 7.63 29.52 -19.30
C LYS A 147 8.77 30.53 -19.45
N GLU A 148 8.94 31.35 -18.42
CA GLU A 148 9.98 32.39 -18.41
C GLU A 148 11.36 31.75 -18.46
N LEU A 149 11.55 30.70 -17.66
CA LEU A 149 12.86 30.07 -17.51
C LEU A 149 13.24 29.24 -18.75
N LYS A 150 12.27 28.54 -19.33
CA LYS A 150 12.49 27.81 -20.58
C LYS A 150 13.01 28.73 -21.68
N ALA A 151 12.46 29.94 -21.76
CA ALA A 151 12.91 30.93 -22.74
C ALA A 151 14.37 31.34 -22.52
N LYS A 152 14.85 31.17 -21.29
CA LYS A 152 16.25 31.44 -20.94
C LYS A 152 17.09 30.15 -20.91
N GLY A 153 16.49 29.02 -21.25
CA GLY A 153 17.23 27.77 -21.43
C GLY A 153 17.31 26.89 -20.19
N LYS A 154 16.41 27.12 -19.24
CA LYS A 154 16.37 26.37 -17.99
C LYS A 154 14.95 25.88 -17.72
N SER A 155 14.78 25.08 -16.69
CA SER A 155 13.44 24.72 -16.21
C SER A 155 13.22 25.25 -14.80
N ALA A 156 11.96 25.32 -14.40
CA ALA A 156 11.59 25.81 -13.06
C ALA A 156 11.82 24.76 -11.99
N LEU A 157 11.37 23.54 -12.24
CA LEU A 157 11.21 22.56 -11.17
C LEU A 157 11.42 21.15 -11.66
N MET A 158 12.31 20.42 -10.98
CA MET A 158 12.49 18.99 -11.20
C MET A 158 12.60 18.32 -9.84
N PHE A 159 11.76 17.33 -9.61
CA PHE A 159 11.84 16.50 -8.42
C PHE A 159 11.33 15.09 -8.71
N ASN A 160 11.61 14.18 -7.77
CA ASN A 160 11.28 12.78 -7.95
C ASN A 160 9.77 12.54 -8.01
N LEU A 161 9.25 12.25 -9.19
CA LEU A 161 7.82 11.96 -9.34
C LEU A 161 7.47 10.49 -9.17
N GLN A 162 8.48 9.64 -9.02
CA GLN A 162 8.26 8.19 -9.00
C GLN A 162 7.83 7.67 -7.64
N GLU A 163 8.15 8.42 -6.59
CA GLU A 163 7.89 7.98 -5.23
C GLU A 163 6.90 8.93 -4.54
N PRO A 164 5.80 8.37 -3.99
CA PRO A 164 4.72 9.19 -3.41
C PRO A 164 5.13 10.06 -2.23
N TYR A 165 6.22 9.71 -1.55
CA TYR A 165 6.78 10.55 -0.48
C TYR A 165 6.98 11.98 -0.95
N PHE A 166 7.43 12.12 -2.21
CA PHE A 166 7.76 13.42 -2.79
C PHE A 166 6.55 14.16 -3.38
N THR A 167 5.58 13.41 -3.89
CA THR A 167 4.42 14.02 -4.55
C THR A 167 3.25 14.28 -3.60
N TRP A 168 3.20 13.55 -2.50
CA TRP A 168 2.14 13.70 -1.48
C TRP A 168 1.95 15.11 -0.88
N PRO A 169 3.04 15.88 -0.68
CA PRO A 169 2.83 17.17 -0.02
C PRO A 169 1.87 18.10 -0.77
N LEU A 170 1.91 18.07 -2.10
CA LEU A 170 0.96 18.79 -2.95
C LEU A 170 -0.43 18.16 -2.90
N ILE A 171 -0.50 16.84 -2.95
CA ILE A 171 -1.78 16.12 -2.95
C ILE A 171 -2.55 16.36 -1.65
N ALA A 172 -1.83 16.45 -0.53
CA ALA A 172 -2.45 16.65 0.78
C ALA A 172 -2.84 18.11 1.08
N ALA A 173 -2.21 19.05 0.36
CA ALA A 173 -2.34 20.49 0.65
C ALA A 173 -3.78 20.99 0.79
N ASP A 174 -4.61 20.65 -0.20
CA ASP A 174 -5.99 21.12 -0.25
C ASP A 174 -6.97 20.16 0.43
N GLY A 175 -6.46 19.22 1.22
CA GLY A 175 -7.31 18.34 2.04
C GLY A 175 -7.07 16.84 1.99
N GLY A 176 -6.13 16.38 1.16
CA GLY A 176 -5.80 14.96 1.14
C GLY A 176 -5.18 14.49 2.45
N TYR A 177 -5.44 13.25 2.83
CA TYR A 177 -4.83 12.67 4.04
C TYR A 177 -4.78 11.15 3.93
N ALA A 178 -3.96 10.50 4.74
CA ALA A 178 -3.80 9.04 4.62
C ALA A 178 -4.80 8.23 5.47
N PHE A 179 -4.78 8.47 6.79
CA PHE A 179 -5.76 7.87 7.71
C PHE A 179 -6.15 8.90 8.75
N LYS A 180 -7.45 9.05 8.99
CA LYS A 180 -7.98 10.04 9.92
C LYS A 180 -7.42 9.84 11.32
N TYR A 181 -6.81 10.89 11.87
CA TYR A 181 -6.25 10.86 13.22
C TYR A 181 -7.09 11.71 14.18
N GLU A 182 -7.51 11.06 15.26
CA GLU A 182 -8.34 11.65 16.29
C GLU A 182 -8.37 10.68 17.47
N ASN A 183 -8.69 11.17 18.67
CA ASN A 183 -8.81 10.26 19.83
C ASN A 183 -7.48 9.51 20.06
N GLY A 184 -6.39 10.17 19.71
CA GLY A 184 -5.04 9.59 19.75
C GLY A 184 -4.83 8.39 18.85
N LYS A 185 -5.70 8.22 17.85
CA LYS A 185 -5.80 6.97 17.10
C LYS A 185 -5.97 7.23 15.61
N TYR A 186 -5.44 6.33 14.78
CA TYR A 186 -5.69 6.35 13.34
C TYR A 186 -6.88 5.47 13.02
N ASP A 187 -7.86 6.03 12.33
CA ASP A 187 -9.00 5.26 11.83
C ASP A 187 -8.69 4.79 10.42
N ILE A 188 -8.33 3.51 10.28
CA ILE A 188 -7.96 2.94 8.97
C ILE A 188 -9.15 2.75 8.01
N LYS A 189 -10.38 2.90 8.50
CA LYS A 189 -11.56 2.88 7.63
C LYS A 189 -11.88 4.26 7.03
N ASP A 190 -11.18 5.29 7.51
CA ASP A 190 -11.35 6.66 7.02
C ASP A 190 -10.08 7.13 6.30
N VAL A 191 -10.07 6.94 4.99
CA VAL A 191 -8.90 7.27 4.15
C VAL A 191 -9.23 8.48 3.26
N GLY A 192 -8.28 9.40 3.14
CA GLY A 192 -8.51 10.66 2.45
C GLY A 192 -7.73 10.83 1.16
N VAL A 193 -7.60 9.75 0.40
CA VAL A 193 -6.85 9.79 -0.86
C VAL A 193 -7.73 10.12 -2.07
N ASP A 194 -9.04 10.13 -1.87
CA ASP A 194 -9.97 10.30 -2.98
C ASP A 194 -11.00 11.40 -2.70
N ASN A 195 -10.65 12.36 -1.86
CA ASN A 195 -11.54 13.50 -1.59
C ASN A 195 -11.24 14.65 -2.55
N ALA A 196 -11.99 15.74 -2.42
CA ALA A 196 -11.86 16.90 -3.31
C ALA A 196 -10.45 17.46 -3.30
N GLY A 197 -9.83 17.50 -2.13
CA GLY A 197 -8.49 18.03 -1.95
C GLY A 197 -7.41 17.21 -2.68
N ALA A 198 -7.45 15.90 -2.49
CA ALA A 198 -6.50 15.00 -3.15
C ALA A 198 -6.64 15.09 -4.66
N LYS A 199 -7.88 15.08 -5.15
CA LYS A 199 -8.14 15.23 -6.58
C LYS A 199 -7.60 16.54 -7.12
N ALA A 200 -7.76 17.62 -6.35
CA ALA A 200 -7.26 18.94 -6.77
C ALA A 200 -5.76 18.95 -6.90
N GLY A 201 -5.09 18.42 -5.88
CA GLY A 201 -3.62 18.36 -5.86
C GLY A 201 -3.06 17.51 -6.99
N LEU A 202 -3.59 16.30 -7.15
CA LEU A 202 -3.06 15.41 -8.19
C LEU A 202 -3.36 15.98 -9.57
N THR A 203 -4.52 16.62 -9.73
CA THR A 203 -4.86 17.26 -10.99
C THR A 203 -3.84 18.33 -11.34
N PHE A 204 -3.45 19.13 -10.37
CA PHE A 204 -2.47 20.19 -10.62
C PHE A 204 -1.13 19.58 -11.05
N LEU A 205 -0.73 18.50 -10.36
CA LEU A 205 0.49 17.78 -10.70
C LEU A 205 0.46 17.25 -12.14
N VAL A 206 -0.65 16.61 -12.51
CA VAL A 206 -0.78 16.05 -13.85
C VAL A 206 -0.81 17.13 -14.94
N ASP A 207 -1.49 18.23 -14.67
CA ASP A 207 -1.49 19.36 -15.59
C ASP A 207 -0.09 19.93 -15.81
N LEU A 208 0.75 19.92 -14.77
CA LEU A 208 2.13 20.38 -14.93
C LEU A 208 2.83 19.53 -15.99
N ILE A 209 2.54 18.23 -15.99
CA ILE A 209 3.11 17.31 -16.98
C ILE A 209 2.45 17.51 -18.34
N LYS A 210 1.13 17.61 -18.37
CA LYS A 210 0.39 17.82 -19.62
C LYS A 210 0.88 19.08 -20.35
N ASN A 211 1.18 20.11 -19.57
CA ASN A 211 1.59 21.41 -20.09
C ASN A 211 3.10 21.58 -20.23
N LYS A 212 3.81 20.46 -20.10
CA LYS A 212 5.25 20.37 -20.38
C LYS A 212 6.11 21.18 -19.41
N HIS A 213 5.64 21.32 -18.17
CA HIS A 213 6.43 21.96 -17.11
C HIS A 213 7.17 20.92 -16.24
N MET A 214 6.73 19.67 -16.32
CA MET A 214 7.47 18.55 -15.73
C MET A 214 7.37 17.33 -16.65
N ASN A 215 8.27 16.37 -16.44
CA ASN A 215 8.29 15.12 -17.19
C ASN A 215 7.90 13.97 -16.26
N ALA A 216 6.95 13.14 -16.71
CA ALA A 216 6.45 12.03 -15.90
C ALA A 216 7.55 11.07 -15.44
N ASP A 217 8.61 10.94 -16.22
N ASP A 217 8.63 10.96 -16.20
CA ASP A 217 9.68 9.97 -15.91
CA ASP A 217 9.67 9.98 -15.90
C ASP A 217 10.79 10.49 -14.99
C ASP A 217 10.81 10.49 -15.01
N THR A 218 10.70 11.74 -14.55
CA THR A 218 11.72 12.31 -13.67
C THR A 218 11.79 11.54 -12.35
N ASP A 219 12.99 11.09 -12.00
CA ASP A 219 13.21 10.33 -10.77
C ASP A 219 14.23 10.99 -9.87
N TYR A 220 14.57 10.34 -8.76
CA TYR A 220 15.47 10.95 -7.79
C TYR A 220 16.79 11.37 -8.42
N SER A 221 17.40 10.43 -9.13
CA SER A 221 18.72 10.64 -9.70
C SER A 221 18.75 11.73 -10.79
N ILE A 222 17.76 11.72 -11.66
CA ILE A 222 17.68 12.70 -12.74
C ILE A 222 17.50 14.11 -12.16
N ALA A 223 16.57 14.25 -11.23
CA ALA A 223 16.27 15.54 -10.61
C ALA A 223 17.49 16.07 -9.84
N GLU A 224 18.14 15.21 -9.07
CA GLU A 224 19.31 15.63 -8.28
C GLU A 224 20.45 16.12 -9.18
N ALA A 225 20.77 15.33 -10.21
CA ALA A 225 21.83 15.69 -11.15
C ALA A 225 21.52 17.03 -11.81
N ALA A 226 20.28 17.21 -12.23
CA ALA A 226 19.87 18.43 -12.95
C ALA A 226 20.00 19.67 -12.06
N PHE A 227 19.47 19.59 -10.84
CA PHE A 227 19.60 20.71 -9.93
C PHE A 227 21.08 21.01 -9.62
N ASN A 228 21.85 19.97 -9.33
CA ASN A 228 23.23 20.17 -8.91
C ASN A 228 24.15 20.64 -10.06
N LYS A 229 23.66 20.52 -11.29
CA LYS A 229 24.37 21.06 -12.46
C LYS A 229 23.84 22.42 -12.94
N GLY A 230 22.89 22.99 -12.19
CA GLY A 230 22.36 24.32 -12.52
C GLY A 230 21.39 24.35 -13.69
N GLU A 231 20.75 23.21 -13.99
CA GLU A 231 19.84 23.05 -15.13
C GLU A 231 18.41 23.47 -14.80
N THR A 232 18.05 23.36 -13.53
CA THR A 232 16.70 23.64 -13.07
C THR A 232 16.75 24.55 -11.84
N ALA A 233 15.76 25.44 -11.72
CA ALA A 233 15.79 26.47 -10.67
C ALA A 233 15.41 25.94 -9.30
N MET A 234 14.63 24.86 -9.26
CA MET A 234 14.12 24.33 -8.02
C MET A 234 14.10 22.81 -8.02
N THR A 235 14.20 22.25 -6.83
CA THR A 235 13.93 20.85 -6.59
C THR A 235 13.23 20.72 -5.23
N ILE A 236 12.72 19.53 -4.93
CA ILE A 236 12.09 19.26 -3.65
C ILE A 236 12.84 18.08 -3.06
N ASN A 237 13.42 18.27 -1.89
CA ASN A 237 14.24 17.25 -1.28
C ASN A 237 14.48 17.54 0.21
N GLY A 238 15.12 16.59 0.90
CA GLY A 238 15.30 16.68 2.33
C GLY A 238 16.76 16.95 2.67
N PRO A 239 17.08 17.03 3.97
CA PRO A 239 18.42 17.41 4.40
C PRO A 239 19.51 16.41 4.02
N TRP A 240 19.12 15.18 3.77
CA TRP A 240 20.06 14.17 3.31
C TRP A 240 20.71 14.53 1.98
N ALA A 241 20.05 15.41 1.20
CA ALA A 241 20.54 15.80 -0.13
C ALA A 241 21.52 16.97 -0.12
N TRP A 242 21.61 17.68 1.00
CA TRP A 242 22.37 18.95 1.03
C TRP A 242 23.87 18.78 0.75
N SER A 243 24.48 17.70 1.24
CA SER A 243 25.93 17.57 1.08
C SER A 243 26.35 17.37 -0.38
N ASN A 244 25.50 16.72 -1.19
CA ASN A 244 25.76 16.62 -2.62
C ASN A 244 25.66 17.97 -3.33
N ILE A 245 24.72 18.80 -2.89
CA ILE A 245 24.56 20.15 -3.45
C ILE A 245 25.77 21.01 -3.05
N ASP A 246 26.24 20.82 -1.82
CA ASP A 246 27.44 21.51 -1.33
C ASP A 246 28.66 21.22 -2.19
N THR A 247 28.83 19.97 -2.61
CA THR A 247 29.95 19.60 -3.47
C THR A 247 29.83 20.24 -4.86
N SER A 248 28.59 20.51 -5.29
CA SER A 248 28.32 20.98 -6.65
C SER A 248 28.62 22.45 -6.93
N LYS A 249 28.73 23.26 -5.88
CA LYS A 249 29.00 24.71 -6.00
C LYS A 249 27.82 25.55 -6.57
N VAL A 250 26.62 24.96 -6.67
CA VAL A 250 25.40 25.73 -6.91
C VAL A 250 25.13 26.61 -5.69
N ASN A 251 24.77 27.87 -5.92
CA ASN A 251 24.37 28.75 -4.82
C ASN A 251 22.90 28.55 -4.50
N TYR A 252 22.61 27.83 -3.43
CA TYR A 252 21.25 27.37 -3.18
C TYR A 252 20.71 27.85 -1.86
N GLY A 253 19.38 27.93 -1.80
CA GLY A 253 18.67 28.16 -0.55
C GLY A 253 17.69 27.04 -0.30
N VAL A 254 17.19 26.98 0.92
CA VAL A 254 16.20 25.98 1.33
C VAL A 254 15.10 26.76 2.03
N THR A 255 13.86 26.51 1.65
CA THR A 255 12.77 27.37 2.07
C THR A 255 11.45 26.61 2.17
N VAL A 256 10.42 27.33 2.63
CA VAL A 256 9.08 26.80 2.76
C VAL A 256 8.56 26.30 1.40
N LEU A 257 7.89 25.15 1.42
CA LEU A 257 7.28 24.60 0.21
C LEU A 257 6.20 25.54 -0.32
N PRO A 258 5.94 25.52 -1.64
CA PRO A 258 4.88 26.40 -2.12
C PRO A 258 3.51 26.01 -1.57
N THR A 259 2.62 26.99 -1.47
CA THR A 259 1.24 26.74 -1.09
C THR A 259 0.43 26.33 -2.31
N PHE A 260 -0.66 25.62 -2.07
CA PHE A 260 -1.61 25.25 -3.11
C PHE A 260 -2.99 25.67 -2.63
N LYS A 261 -3.71 26.42 -3.46
CA LYS A 261 -5.00 27.02 -3.06
C LYS A 261 -4.91 27.75 -1.72
N GLY A 262 -3.80 28.47 -1.54
CA GLY A 262 -3.57 29.27 -0.35
C GLY A 262 -3.23 28.47 0.90
N GLN A 263 -3.05 27.16 0.75
CA GLN A 263 -2.84 26.27 1.87
C GLN A 263 -1.47 25.61 1.76
N PRO A 264 -0.83 25.37 2.92
CA PRO A 264 0.53 24.85 2.89
C PRO A 264 0.64 23.45 2.32
N SER A 265 1.75 23.18 1.63
CA SER A 265 2.09 21.81 1.25
C SER A 265 2.41 21.06 2.54
N LYS A 266 1.99 19.80 2.61
CA LYS A 266 2.03 19.02 3.85
C LYS A 266 2.90 17.77 3.71
N PRO A 267 4.23 17.94 3.88
CA PRO A 267 5.09 16.77 3.79
C PRO A 267 4.90 15.85 5.00
N PHE A 268 5.18 14.56 4.83
CA PHE A 268 5.24 13.66 5.98
C PHE A 268 6.53 13.92 6.75
N VAL A 269 6.43 13.85 8.06
CA VAL A 269 7.58 14.09 8.92
C VAL A 269 8.11 12.73 9.37
N GLY A 270 9.42 12.56 9.21
CA GLY A 270 10.12 11.37 9.68
C GLY A 270 10.91 11.75 10.93
N VAL A 271 10.92 10.86 11.91
CA VAL A 271 11.62 11.14 13.17
C VAL A 271 12.60 10.01 13.45
N LEU A 272 13.89 10.27 13.26
CA LEU A 272 14.90 9.28 13.63
C LEU A 272 14.76 9.09 15.13
N SER A 273 14.59 7.83 15.54
CA SER A 273 14.29 7.49 16.94
C SER A 273 15.17 6.35 17.42
N ALA A 274 15.35 6.28 18.74
CA ALA A 274 16.15 5.24 19.38
C ALA A 274 15.25 4.40 20.26
N GLY A 275 15.02 3.15 19.86
CA GLY A 275 14.18 2.24 20.61
C GLY A 275 15.01 1.26 21.42
N ILE A 276 14.42 0.73 22.48
CA ILE A 276 15.12 -0.20 23.38
C ILE A 276 14.57 -1.60 23.20
N ASN A 277 15.44 -2.54 22.87
CA ASN A 277 15.08 -3.96 22.68
C ASN A 277 14.37 -4.50 23.92
N ALA A 278 13.15 -5.02 23.73
CA ALA A 278 12.36 -5.57 24.82
C ALA A 278 13.06 -6.74 25.53
N ALA A 279 14.00 -7.38 24.85
CA ALA A 279 14.77 -8.50 25.41
C ALA A 279 16.09 -8.06 26.05
N SER A 280 16.43 -6.78 25.98
CA SER A 280 17.65 -6.29 26.62
C SER A 280 17.55 -6.41 28.15
N PRO A 281 18.61 -6.95 28.80
CA PRO A 281 18.73 -6.92 30.25
C PRO A 281 19.41 -5.64 30.74
N ASN A 282 19.63 -4.69 29.83
CA ASN A 282 20.33 -3.44 30.12
C ASN A 282 19.46 -2.21 29.85
N LYS A 283 18.18 -2.31 30.17
CA LYS A 283 17.22 -1.22 29.91
C LYS A 283 17.53 0.03 30.74
N GLU A 284 17.89 -0.14 32.01
CA GLU A 284 18.28 1.00 32.84
C GLU A 284 19.54 1.69 32.29
N LEU A 285 20.53 0.89 31.92
CA LEU A 285 21.74 1.42 31.25
C LEU A 285 21.39 2.18 29.96
N ALA A 286 20.46 1.64 29.16
CA ALA A 286 20.04 2.28 27.91
C ALA A 286 19.38 3.62 28.16
N LYS A 287 18.53 3.68 29.18
CA LYS A 287 17.86 4.93 29.55
C LYS A 287 18.86 6.00 29.99
N GLU A 288 19.83 5.61 30.82
CA GLU A 288 20.87 6.54 31.25
C GLU A 288 21.67 7.07 30.06
N PHE A 289 22.07 6.18 29.16
CA PHE A 289 22.79 6.58 27.94
C PHE A 289 21.98 7.57 27.09
N LEU A 290 20.75 7.21 26.77
CA LEU A 290 19.93 7.99 25.83
C LEU A 290 19.48 9.34 26.40
N GLU A 291 19.03 9.35 27.65
CA GLU A 291 18.52 10.58 28.25
C GLU A 291 19.64 11.52 28.66
N ASN A 292 20.68 10.97 29.29
CA ASN A 292 21.67 11.79 29.97
C ASN A 292 23.03 11.93 29.28
N TYR A 293 23.25 11.19 28.20
CA TYR A 293 24.46 11.30 27.39
C TYR A 293 24.15 11.71 25.95
N LEU A 294 23.28 10.98 25.27
CA LEU A 294 22.99 11.27 23.86
C LEU A 294 22.13 12.51 23.69
N LEU A 295 20.97 12.53 24.35
CA LEU A 295 20.01 13.64 24.22
C LEU A 295 20.37 14.84 25.09
N THR A 296 21.58 15.34 24.84
CA THR A 296 22.10 16.56 25.44
C THR A 296 22.74 17.33 24.29
N ASP A 297 22.99 18.61 24.50
CA ASP A 297 23.68 19.40 23.47
C ASP A 297 25.00 18.75 23.03
N GLU A 298 25.77 18.27 24.01
CA GLU A 298 27.11 17.72 23.75
C GLU A 298 27.03 16.38 23.04
N GLY A 299 26.05 15.56 23.39
CA GLY A 299 25.83 14.26 22.76
C GLY A 299 25.42 14.37 21.29
N LEU A 300 24.41 15.20 21.03
CA LEU A 300 23.96 15.39 19.64
C LEU A 300 25.02 16.09 18.78
N GLU A 301 25.77 17.01 19.36
CA GLU A 301 26.88 17.66 18.66
C GLU A 301 27.93 16.65 18.18
N ALA A 302 28.31 15.74 19.07
CA ALA A 302 29.29 14.70 18.75
C ALA A 302 28.85 13.91 17.52
N VAL A 303 27.57 13.57 17.47
CA VAL A 303 27.01 12.83 16.35
C VAL A 303 26.98 13.74 15.12
N ASN A 304 26.37 14.92 15.30
CA ASN A 304 26.22 15.91 14.22
C ASN A 304 27.54 16.27 13.54
N LYS A 305 28.61 16.38 14.33
CA LYS A 305 29.94 16.68 13.80
C LYS A 305 30.44 15.61 12.82
N ASP A 306 30.06 14.36 13.08
CA ASP A 306 30.48 13.23 12.26
C ASP A 306 29.67 13.22 10.98
N LYS A 307 28.34 13.19 11.13
CA LYS A 307 27.41 13.36 10.01
C LYS A 307 26.21 14.15 10.50
N PRO A 308 25.86 15.25 9.80
CA PRO A 308 24.81 16.15 10.29
C PRO A 308 23.45 15.46 10.41
N LEU A 309 22.72 15.79 11.48
CA LEU A 309 21.40 15.20 11.75
C LEU A 309 20.27 15.96 11.07
N GLY A 310 20.58 17.12 10.53
CA GLY A 310 19.55 18.05 10.07
C GLY A 310 18.91 18.69 11.29
N ALA A 311 17.58 18.71 11.35
CA ALA A 311 16.89 19.24 12.52
C ALA A 311 16.80 18.16 13.59
N VAL A 312 16.68 18.58 14.86
CA VAL A 312 16.64 17.64 15.99
C VAL A 312 15.44 17.88 16.89
N ALA A 313 15.09 16.86 17.68
CA ALA A 313 13.93 16.92 18.58
C ALA A 313 14.23 17.66 19.88
N LEU A 314 15.51 17.71 20.26
CA LEU A 314 15.94 18.39 21.47
C LEU A 314 15.93 19.89 21.26
N LYS A 315 15.05 20.58 21.98
CA LYS A 315 14.86 22.02 21.83
C LYS A 315 16.14 22.83 21.93
N SER A 316 16.94 22.56 22.97
CA SER A 316 18.13 23.37 23.25
C SER A 316 19.14 23.32 22.09
N TYR A 317 19.33 22.15 21.51
CA TYR A 317 20.26 22.00 20.40
C TYR A 317 19.63 22.45 19.06
N GLU A 318 18.33 22.24 18.91
CA GLU A 318 17.61 22.70 17.71
C GLU A 318 17.67 24.22 17.58
N GLU A 319 17.56 24.91 18.71
CA GLU A 319 17.67 26.37 18.74
C GLU A 319 19.04 26.86 18.26
N GLU A 320 20.09 26.09 18.52
CA GLU A 320 21.42 26.41 17.97
C GLU A 320 21.46 26.11 16.46
N LEU A 321 21.00 24.92 16.08
CA LEU A 321 21.04 24.52 14.67
C LEU A 321 20.20 25.41 13.77
N ALA A 322 19.06 25.88 14.29
CA ALA A 322 18.10 26.66 13.52
C ALA A 322 18.57 28.06 13.13
N LYS A 323 19.75 28.45 13.60
CA LYS A 323 20.42 29.65 13.09
C LYS A 323 20.82 29.45 11.62
N ASP A 324 20.93 28.19 11.20
CA ASP A 324 21.06 27.82 9.80
C ASP A 324 19.65 27.84 9.17
N PRO A 325 19.41 28.76 8.21
CA PRO A 325 18.04 28.88 7.69
C PRO A 325 17.53 27.61 6.99
N ARG A 326 18.43 26.75 6.54
CA ARG A 326 18.04 25.47 5.94
C ARG A 326 17.39 24.57 6.99
N ILE A 327 17.92 24.63 8.21
CA ILE A 327 17.36 23.89 9.34
C ILE A 327 16.03 24.48 9.77
N ALA A 328 15.97 25.81 9.87
CA ALA A 328 14.72 26.50 10.18
C ALA A 328 13.62 26.15 9.17
N ALA A 329 14.00 26.09 7.90
CA ALA A 329 13.05 25.72 6.83
C ALA A 329 12.54 24.30 7.00
N THR A 330 13.45 23.41 7.35
CA THR A 330 13.10 21.99 7.54
C THR A 330 12.05 21.85 8.65
N MET A 331 12.26 22.56 9.75
CA MET A 331 11.34 22.50 10.88
C MET A 331 10.04 23.19 10.54
N GLU A 332 10.09 24.28 9.78
CA GLU A 332 8.88 24.97 9.35
C GLU A 332 7.99 24.05 8.51
N ASN A 333 8.58 23.43 7.50
CA ASN A 333 7.83 22.50 6.65
C ASN A 333 7.31 21.30 7.45
N ALA A 334 8.14 20.79 8.36
CA ALA A 334 7.76 19.69 9.22
C ALA A 334 6.51 20.01 10.05
N GLN A 335 6.47 21.22 10.61
CA GLN A 335 5.35 21.64 11.44
C GLN A 335 4.07 21.90 10.63
N LYS A 336 4.23 22.26 9.35
CA LYS A 336 3.08 22.39 8.45
C LYS A 336 2.61 21.04 7.88
N GLY A 337 3.45 20.01 8.01
CA GLY A 337 3.12 18.69 7.53
C GLY A 337 2.41 17.84 8.57
N GLU A 338 2.60 16.53 8.46
CA GLU A 338 2.00 15.57 9.38
C GLU A 338 3.03 14.50 9.71
N ILE A 339 3.06 14.06 10.96
CA ILE A 339 3.88 12.92 11.33
C ILE A 339 3.45 11.75 10.46
N MET A 340 4.40 10.99 9.95
CA MET A 340 4.10 9.84 9.14
C MET A 340 3.47 8.77 10.04
N PRO A 341 2.26 8.30 9.69
CA PRO A 341 1.65 7.25 10.50
C PRO A 341 2.54 6.02 10.60
N ASN A 342 2.53 5.38 11.77
CA ASN A 342 3.40 4.24 12.09
C ASN A 342 2.70 2.88 11.98
N ILE A 343 1.48 2.89 11.47
CA ILE A 343 0.61 1.72 11.50
C ILE A 343 0.82 0.81 10.28
N PRO A 344 0.60 -0.51 10.43
CA PRO A 344 0.86 -1.47 9.34
C PRO A 344 0.19 -1.12 8.02
N GLN A 345 -0.98 -0.50 8.09
CA GLN A 345 -1.78 -0.20 6.90
C GLN A 345 -1.14 0.87 5.99
N MET A 346 -0.13 1.57 6.49
CA MET A 346 0.60 2.54 5.67
C MET A 346 1.23 1.96 4.41
N SER A 347 1.60 0.69 4.45
CA SER A 347 2.16 0.02 3.29
C SER A 347 1.14 -0.06 2.15
N ALA A 348 -0.12 -0.27 2.50
CA ALA A 348 -1.19 -0.28 1.49
C ALA A 348 -1.40 1.13 0.94
N PHE A 349 -1.38 2.11 1.82
CA PHE A 349 -1.51 3.52 1.43
C PHE A 349 -0.40 3.91 0.45
N TRP A 350 0.84 3.58 0.81
CA TRP A 350 1.98 3.91 -0.06
C TRP A 350 1.86 3.26 -1.44
N TYR A 351 1.51 1.98 -1.46
CA TYR A 351 1.28 1.30 -2.75
C TYR A 351 0.19 2.04 -3.53
N ALA A 352 -0.88 2.42 -2.85
CA ALA A 352 -2.03 3.06 -3.48
C ALA A 352 -1.65 4.38 -4.14
N VAL A 353 -0.96 5.24 -3.38
CA VAL A 353 -0.59 6.55 -3.91
C VAL A 353 0.47 6.41 -5.00
N ARG A 354 1.41 5.48 -4.84
CA ARG A 354 2.43 5.30 -5.85
C ARG A 354 1.79 4.94 -7.18
N THR A 355 0.91 3.94 -7.13
CA THR A 355 0.21 3.45 -8.30
C THR A 355 -0.65 4.52 -8.97
N ALA A 356 -1.40 5.25 -8.17
CA ALA A 356 -2.30 6.29 -8.67
C ALA A 356 -1.54 7.39 -9.38
N VAL A 357 -0.44 7.86 -8.80
CA VAL A 357 0.32 8.94 -9.42
C VAL A 357 0.92 8.50 -10.74
N ILE A 358 1.55 7.31 -10.77
CA ILE A 358 2.13 6.79 -12.01
C ILE A 358 1.07 6.64 -13.10
N ASN A 359 -0.06 6.07 -12.75
CA ASN A 359 -1.14 5.85 -13.72
C ASN A 359 -1.77 7.15 -14.24
N ALA A 360 -1.97 8.12 -13.36
CA ALA A 360 -2.51 9.44 -13.76
C ALA A 360 -1.48 10.21 -14.60
N ALA A 361 -0.25 10.28 -14.10
CA ALA A 361 0.83 11.02 -14.78
C ALA A 361 1.13 10.47 -16.18
N SER A 362 0.95 9.17 -16.35
CA SER A 362 1.16 8.51 -17.65
C SER A 362 0.01 8.70 -18.62
N GLY A 363 -1.14 9.14 -18.11
CA GLY A 363 -2.33 9.36 -18.93
C GLY A 363 -3.20 8.15 -19.19
N ARG A 364 -2.81 6.97 -18.71
CA ARG A 364 -3.64 5.79 -18.94
C ARG A 364 -4.86 5.77 -18.01
N GLN A 365 -4.79 6.51 -16.90
CA GLN A 365 -5.96 6.77 -16.08
C GLN A 365 -6.15 8.25 -15.86
N THR A 366 -7.40 8.69 -15.77
CA THR A 366 -7.70 10.02 -15.29
C THR A 366 -7.42 10.07 -13.79
N VAL A 367 -7.38 11.29 -13.26
CA VAL A 367 -7.17 11.51 -11.82
C VAL A 367 -8.24 10.80 -11.00
N ASP A 368 -9.50 10.99 -11.38
CA ASP A 368 -10.63 10.36 -10.66
C ASP A 368 -10.53 8.83 -10.69
N GLU A 369 -10.23 8.27 -11.85
CA GLU A 369 -10.09 6.82 -11.98
C GLU A 369 -8.97 6.29 -11.07
N ALA A 370 -7.85 7.02 -11.07
CA ALA A 370 -6.65 6.58 -10.36
C ALA A 370 -6.84 6.65 -8.85
N LEU A 371 -7.45 7.74 -8.39
CA LEU A 371 -7.71 7.92 -6.97
C LEU A 371 -8.87 7.07 -6.45
N LYS A 372 -9.80 6.67 -7.32
CA LYS A 372 -10.83 5.71 -6.93
C LYS A 372 -10.16 4.38 -6.56
N ASP A 373 -9.25 3.92 -7.42
CA ASP A 373 -8.47 2.71 -7.13
C ASP A 373 -7.59 2.90 -5.89
N ALA A 374 -7.01 4.10 -5.73
CA ALA A 374 -6.20 4.37 -4.53
C ALA A 374 -7.03 4.20 -3.25
N GLN A 375 -8.27 4.67 -3.28
CA GLN A 375 -9.16 4.56 -2.11
C GLN A 375 -9.34 3.07 -1.75
N THR A 376 -9.66 2.27 -2.76
CA THR A 376 -9.84 0.82 -2.58
C THR A 376 -8.55 0.16 -2.07
N ASN A 377 -7.44 0.46 -2.73
CA ASN A 377 -6.15 -0.15 -2.40
C ASN A 377 -5.68 0.16 -0.98
N SER A 378 -5.91 1.39 -0.56
CA SER A 378 -5.57 1.84 0.81
C SER A 378 -6.23 1.01 1.90
N GLY A 379 -7.42 0.48 1.61
CA GLY A 379 -8.15 -0.36 2.57
C GLY A 379 -7.97 -1.85 2.42
N SER A 380 -7.04 -2.28 1.55
CA SER A 380 -6.84 -3.71 1.30
C SER A 380 -6.31 -4.44 2.53
N ASP A 381 -6.90 -5.62 2.76
CA ASP A 381 -6.69 -6.40 3.97
C ASP A 381 -5.34 -7.12 3.95
N ILE A 382 -4.28 -6.39 4.26
CA ILE A 382 -2.91 -6.91 4.24
C ILE A 382 -2.53 -7.60 5.54
N THR A 383 -3.17 -8.75 5.76
CA THR A 383 -2.80 -9.68 6.82
C THR A 383 -2.77 -11.04 6.15
N SER A 384 -1.57 -11.47 5.78
CA SER A 384 -1.39 -12.64 4.92
C SER A 384 -1.03 -13.87 5.73
N GLU B 1 -12.52 -21.58 -0.09
CA GLU B 1 -12.13 -21.73 1.33
C GLU B 1 -12.51 -20.43 2.06
N GLU B 2 -12.10 -20.28 3.33
CA GLU B 2 -12.43 -19.06 4.07
C GLU B 2 -11.95 -17.81 3.34
N ASN B 3 -10.96 -18.02 2.49
CA ASN B 3 -10.25 -16.96 1.80
C ASN B 3 -11.08 -16.37 0.67
N LEU B 4 -11.71 -15.22 0.92
CA LEU B 4 -12.50 -14.54 -0.10
C LEU B 4 -11.57 -14.13 -1.25
N TYR B 5 -12.06 -14.29 -2.48
CA TYR B 5 -11.20 -14.15 -3.66
C TYR B 5 -10.52 -12.78 -3.73
N PHE B 6 -11.28 -11.71 -3.51
CA PHE B 6 -10.73 -10.34 -3.65
C PHE B 6 -10.08 -9.79 -2.38
N GLN B 7 -10.05 -10.59 -1.31
CA GLN B 7 -9.50 -10.13 -0.02
C GLN B 7 -7.98 -9.99 -0.09
N GLY B 8 -7.47 -8.80 0.15
CA GLY B 8 -6.03 -8.53 0.04
C GLY B 8 -5.53 -8.23 -1.38
N SER B 9 -6.44 -8.14 -2.34
N SER B 9 -6.44 -8.15 -2.35
CA SER B 9 -6.08 -7.89 -3.75
CA SER B 9 -6.09 -7.90 -3.76
C SER B 9 -5.89 -6.40 -4.00
C SER B 9 -5.93 -6.40 -4.05
N PHE B 10 -5.03 -6.08 -4.96
CA PHE B 10 -4.78 -4.69 -5.35
C PHE B 10 -5.19 -4.46 -6.80
N THR B 11 -5.63 -3.24 -7.09
CA THR B 11 -6.01 -2.84 -8.44
C THR B 11 -4.98 -1.87 -9.01
N ASP B 12 -4.41 -2.23 -10.16
CA ASP B 12 -3.46 -1.41 -10.89
C ASP B 12 -3.95 -1.28 -12.33
N GLY B 13 -4.78 -0.28 -12.57
CA GLY B 13 -5.30 -0.01 -13.91
C GLY B 13 -6.03 -1.24 -14.43
N GLN B 14 -5.54 -1.79 -15.54
CA GLN B 14 -6.19 -2.97 -16.15
C GLN B 14 -5.73 -4.31 -15.54
N TYR B 15 -4.98 -4.24 -14.45
CA TYR B 15 -4.51 -5.44 -13.76
C TYR B 15 -5.02 -5.50 -12.33
N LEU B 16 -5.11 -6.72 -11.81
CA LEU B 16 -5.19 -6.97 -10.38
C LEU B 16 -3.91 -7.67 -9.91
N LEU B 17 -3.48 -7.36 -8.69
CA LEU B 17 -2.46 -8.14 -8.00
C LEU B 17 -3.14 -9.01 -6.96
N LYS B 18 -3.10 -10.32 -7.18
CA LYS B 18 -3.78 -11.29 -6.35
C LYS B 18 -2.73 -11.98 -5.47
N PRO B 19 -2.88 -11.88 -4.14
CA PRO B 19 -1.91 -12.53 -3.26
C PRO B 19 -1.95 -14.05 -3.35
N CYS B 20 -0.77 -14.68 -3.29
CA CYS B 20 -0.65 -16.14 -3.26
C CYS B 20 -0.72 -16.66 -1.83
N LEU B 21 -1.84 -17.28 -1.46
CA LEU B 21 -2.00 -17.84 -0.11
C LEU B 21 -1.34 -19.23 -0.04
N SER B 22 -1.28 -19.89 -1.18
CA SER B 22 -0.56 -21.13 -1.35
C SER B 22 -0.04 -21.13 -2.78
N HIS B 23 0.53 -22.24 -3.23
CA HIS B 23 1.11 -22.30 -4.57
C HIS B 23 0.15 -22.87 -5.60
N ARG B 24 -1.02 -23.35 -5.17
CA ARG B 24 -1.93 -24.08 -6.07
C ARG B 24 -2.43 -23.24 -7.23
N GLU B 25 -2.86 -22.01 -6.95
CA GLU B 25 -3.39 -21.14 -7.99
C GLU B 25 -2.31 -20.74 -8.98
N ARG B 26 -1.20 -20.26 -8.43
CA ARG B 26 0.00 -19.96 -9.20
C ARG B 26 0.37 -21.12 -10.12
N ASP B 27 0.51 -22.30 -9.53
CA ASP B 27 0.92 -23.51 -10.27
C ASP B 27 -0.06 -23.87 -11.38
N PHE B 28 -1.36 -23.64 -11.14
CA PHE B 28 -2.37 -23.89 -12.17
C PHE B 28 -2.18 -22.96 -13.38
N TYR B 29 -2.13 -21.65 -13.13
CA TYR B 29 -1.92 -20.69 -14.21
C TYR B 29 -0.60 -20.95 -14.98
N LEU B 30 0.48 -21.27 -14.26
CA LEU B 30 1.75 -21.62 -14.94
C LEU B 30 1.60 -22.91 -15.76
N HIS B 31 0.85 -23.88 -15.25
CA HIS B 31 0.64 -25.15 -15.94
C HIS B 31 -0.09 -25.01 -17.28
N ILE B 32 -1.09 -24.12 -17.34
CA ILE B 32 -1.92 -23.95 -18.54
C ILE B 32 -1.51 -22.74 -19.41
N LYS B 33 -0.44 -22.06 -19.04
CA LYS B 33 -0.05 -20.80 -19.71
C LYS B 33 0.25 -20.97 -21.20
N ASP B 34 0.56 -22.20 -21.62
CA ASP B 34 0.82 -22.51 -23.02
C ASP B 34 -0.24 -23.43 -23.64
N ASP B 35 -1.32 -23.73 -22.91
CA ASP B 35 -2.37 -24.64 -23.40
C ASP B 35 -3.48 -23.85 -24.03
N LYS B 36 -3.69 -24.05 -25.33
CA LYS B 36 -4.67 -23.27 -26.10
C LYS B 36 -6.12 -23.45 -25.69
N GLU B 37 -6.45 -24.59 -25.13
CA GLU B 37 -7.82 -24.86 -24.72
C GLU B 37 -8.23 -23.94 -23.55
N TRP B 38 -7.24 -23.46 -22.79
CA TRP B 38 -7.46 -22.55 -21.68
C TRP B 38 -7.25 -21.08 -22.05
N THR B 39 -6.18 -20.79 -22.80
CA THR B 39 -5.77 -19.40 -23.05
C THR B 39 -6.40 -18.73 -24.27
N GLY B 40 -6.87 -19.50 -25.25
CA GLY B 40 -7.49 -18.93 -26.45
C GLY B 40 -9.01 -18.93 -26.44
N THR B 41 -9.62 -19.46 -25.37
CA THR B 41 -11.06 -19.71 -25.36
C THR B 41 -11.84 -18.67 -24.56
N GLY B 42 -11.14 -17.79 -23.85
CA GLY B 42 -11.77 -16.70 -23.11
C GLY B 42 -12.53 -17.17 -21.88
N ILE B 43 -12.07 -18.26 -21.25
CA ILE B 43 -12.78 -18.83 -20.09
C ILE B 43 -12.15 -18.56 -18.73
N ILE B 44 -10.89 -18.12 -18.72
CA ILE B 44 -10.22 -17.70 -17.49
C ILE B 44 -9.57 -16.31 -17.70
N PRO B 45 -9.32 -15.58 -16.61
CA PRO B 45 -8.61 -14.31 -16.77
C PRO B 45 -7.20 -14.50 -17.32
N LYS B 46 -6.75 -13.53 -18.10
CA LYS B 46 -5.36 -13.51 -18.58
C LYS B 46 -4.39 -13.41 -17.41
N PHE B 47 -3.31 -14.18 -17.50
CA PHE B 47 -2.30 -14.29 -16.44
C PHE B 47 -1.03 -13.66 -16.98
N TYR B 48 -0.39 -12.81 -16.17
CA TYR B 48 0.78 -12.03 -16.61
C TYR B 48 2.08 -12.37 -15.90
N GLY B 49 2.00 -13.08 -14.77
CA GLY B 49 3.20 -13.54 -14.08
C GLY B 49 3.12 -13.41 -12.57
N VAL B 50 4.11 -14.00 -11.90
CA VAL B 50 4.25 -13.92 -10.46
C VAL B 50 5.16 -12.75 -10.12
N GLU B 51 4.86 -12.04 -9.03
CA GLU B 51 5.67 -10.90 -8.57
C GLU B 51 5.76 -10.85 -7.05
N LEU B 52 6.93 -10.48 -6.52
CA LEU B 52 7.10 -10.24 -5.09
C LEU B 52 6.91 -8.76 -4.73
N HIS B 53 6.22 -8.51 -3.61
CA HIS B 53 5.93 -7.15 -3.15
C HIS B 53 6.09 -7.04 -1.64
N GLU B 54 6.77 -5.99 -1.18
CA GLU B 54 7.03 -5.79 0.24
C GLU B 54 5.90 -4.97 0.84
N PHE B 55 5.31 -5.47 1.93
CA PHE B 55 4.23 -4.73 2.63
C PHE B 55 4.43 -4.49 4.14
N GLY B 56 5.67 -4.37 4.55
CA GLY B 56 6.01 -3.95 5.92
C GLY B 56 6.28 -5.06 6.90
N PHE B 57 6.24 -6.29 6.41
CA PHE B 57 6.59 -7.45 7.22
C PHE B 57 7.46 -8.46 6.46
N GLY B 58 7.68 -8.22 5.17
CA GLY B 58 8.53 -9.08 4.35
C GLY B 58 7.85 -9.22 2.99
N GLU B 59 8.53 -9.79 2.02
CA GLU B 59 7.99 -9.87 0.67
C GLU B 59 6.87 -10.90 0.58
N LEU B 60 5.76 -10.51 -0.04
CA LEU B 60 4.63 -11.39 -0.30
C LEU B 60 4.54 -11.67 -1.81
N GLU B 61 4.10 -12.87 -2.16
CA GLU B 61 4.00 -13.30 -3.56
C GLU B 61 2.61 -12.93 -4.09
N PHE B 62 2.58 -12.34 -5.27
CA PHE B 62 1.33 -11.96 -5.95
C PHE B 62 1.36 -12.45 -7.39
N ILE B 63 0.19 -12.75 -7.94
CA ILE B 63 0.09 -13.02 -9.37
C ILE B 63 -0.63 -11.84 -10.03
N ARG B 64 -0.12 -11.41 -11.17
CA ARG B 64 -0.69 -10.27 -11.91
C ARG B 64 -1.71 -10.81 -12.91
N MET B 65 -2.96 -10.38 -12.74
N MET B 65 -2.95 -10.39 -12.77
CA MET B 65 -4.12 -10.89 -13.48
CA MET B 65 -4.03 -10.91 -13.59
C MET B 65 -4.86 -9.79 -14.22
C MET B 65 -4.85 -9.80 -14.23
N GLU B 66 -5.59 -10.18 -15.26
CA GLU B 66 -6.51 -9.29 -15.95
C GLU B 66 -7.58 -8.78 -14.97
N ASN B 67 -7.78 -7.47 -14.96
CA ASN B 67 -8.89 -6.86 -14.24
C ASN B 67 -10.13 -6.89 -15.12
N LEU B 68 -11.03 -7.81 -14.80
CA LEU B 68 -12.22 -8.01 -15.60
C LEU B 68 -13.20 -6.83 -15.56
N MET B 69 -13.05 -5.94 -14.58
CA MET B 69 -13.97 -4.81 -14.49
C MET B 69 -13.29 -3.49 -14.74
N TYR B 70 -12.19 -3.54 -15.51
CA TYR B 70 -11.46 -2.35 -15.89
C TYR B 70 -12.39 -1.36 -16.60
N LYS B 71 -12.39 -0.13 -16.13
CA LYS B 71 -13.21 0.98 -16.66
C LYS B 71 -14.73 0.77 -16.59
N TYR B 72 -15.19 -0.15 -15.76
CA TYR B 72 -16.63 -0.32 -15.55
C TYR B 72 -17.17 0.89 -14.77
N LYS B 73 -18.24 1.49 -15.27
CA LYS B 73 -18.84 2.65 -14.63
C LYS B 73 -19.84 2.26 -13.56
N ARG B 74 -20.72 1.31 -13.88
CA ARG B 74 -21.70 0.81 -12.92
C ARG B 74 -21.62 -0.72 -12.88
N PRO B 75 -20.71 -1.25 -12.05
CA PRO B 75 -20.49 -2.69 -12.05
C PRO B 75 -21.64 -3.52 -11.45
N PHE B 76 -21.89 -4.65 -12.10
CA PHE B 76 -22.75 -5.72 -11.60
C PHE B 76 -21.89 -6.96 -11.50
N VAL B 77 -21.90 -7.61 -10.35
CA VAL B 77 -20.99 -8.73 -10.05
C VAL B 77 -21.78 -9.84 -9.39
N LEU B 78 -21.61 -11.06 -9.87
CA LEU B 78 -22.18 -12.24 -9.23
C LEU B 78 -21.13 -13.33 -9.18
N ASP B 79 -20.90 -13.85 -7.99
CA ASP B 79 -19.98 -14.98 -7.81
C ASP B 79 -20.78 -16.22 -7.45
N LEU B 80 -20.61 -17.27 -8.25
CA LEU B 80 -21.22 -18.57 -8.01
C LEU B 80 -20.14 -19.60 -7.79
N LYS B 81 -20.16 -20.23 -6.62
CA LYS B 81 -19.20 -21.26 -6.27
C LYS B 81 -19.65 -22.58 -6.92
N ILE B 82 -18.72 -23.26 -7.61
CA ILE B 82 -19.05 -24.44 -8.42
C ILE B 82 -18.47 -25.71 -7.80
N GLY B 83 -19.26 -26.79 -7.83
CA GLY B 83 -18.84 -28.09 -7.32
C GLY B 83 -19.82 -28.61 -6.31
N THR B 84 -19.79 -29.92 -6.09
CA THR B 84 -20.70 -30.57 -5.13
C THR B 84 -20.14 -30.68 -3.72
N GLN B 85 -18.91 -30.21 -3.53
CA GLN B 85 -18.33 -30.03 -2.19
C GLN B 85 -17.31 -28.91 -2.25
N THR B 86 -17.15 -28.18 -1.15
CA THR B 86 -16.19 -27.05 -1.10
C THR B 86 -15.02 -27.33 -0.16
N TRP B 87 -14.84 -28.60 0.16
CA TRP B 87 -13.67 -29.06 0.91
C TRP B 87 -12.89 -30.01 0.01
N ASP B 88 -11.61 -30.25 0.33
CA ASP B 88 -10.81 -31.20 -0.44
C ASP B 88 -9.87 -31.97 0.50
N PRO B 89 -9.01 -32.83 -0.05
CA PRO B 89 -8.14 -33.61 0.85
C PRO B 89 -7.24 -32.82 1.79
N GLU B 90 -6.98 -31.55 1.48
CA GLU B 90 -6.15 -30.69 2.33
C GLU B 90 -6.90 -29.83 3.35
N THR B 91 -8.24 -29.90 3.33
CA THR B 91 -9.04 -29.09 4.24
C THR B 91 -8.79 -29.55 5.68
N ALA B 92 -8.59 -28.58 6.56
CA ALA B 92 -8.35 -28.86 7.98
C ALA B 92 -9.58 -29.55 8.58
N SER B 93 -9.33 -30.54 9.43
CA SER B 93 -10.42 -31.29 10.07
C SER B 93 -11.26 -30.36 10.96
N SER B 94 -10.63 -29.35 11.54
CA SER B 94 -11.33 -28.36 12.35
C SER B 94 -12.35 -27.55 11.54
N LYS B 95 -12.10 -27.37 10.25
CA LYS B 95 -13.00 -26.64 9.35
C LYS B 95 -13.93 -27.55 8.54
N MET B 96 -13.86 -28.86 8.77
CA MET B 96 -14.60 -29.83 7.98
C MET B 96 -16.08 -29.79 8.32
N LYS B 97 -16.41 -29.74 9.61
CA LYS B 97 -17.80 -29.76 10.05
C LYS B 97 -18.61 -28.64 9.39
N LYS B 98 -18.06 -27.43 9.33
CA LYS B 98 -18.80 -26.29 8.78
C LYS B 98 -19.03 -26.45 7.27
N ARG B 99 -18.01 -26.88 6.54
CA ARG B 99 -18.13 -27.12 5.11
C ARG B 99 -19.21 -28.14 4.81
N LEU B 100 -19.21 -29.23 5.57
CA LEU B 100 -20.22 -30.27 5.41
C LEU B 100 -21.61 -29.72 5.63
N VAL B 101 -21.77 -28.84 6.61
CA VAL B 101 -23.07 -28.21 6.87
C VAL B 101 -23.50 -27.31 5.73
N VAL B 102 -22.65 -26.35 5.39
CA VAL B 102 -22.96 -25.36 4.36
C VAL B 102 -23.18 -26.01 2.99
N ASP B 103 -22.36 -27.00 2.64
CA ASP B 103 -22.55 -27.72 1.37
C ASP B 103 -23.95 -28.36 1.27
N SER B 104 -24.47 -28.86 2.37
CA SER B 104 -25.79 -29.54 2.35
C SER B 104 -26.97 -28.57 2.53
N THR B 105 -26.77 -27.47 3.25
CA THR B 105 -27.85 -26.51 3.50
C THR B 105 -28.01 -25.54 2.34
N SER B 106 -26.92 -25.31 1.61
CA SER B 106 -26.95 -24.53 0.39
C SER B 106 -27.34 -25.47 -0.76
N THR B 107 -27.30 -24.95 -1.97
CA THR B 107 -27.55 -25.74 -3.19
C THR B 107 -26.30 -26.46 -3.74
N THR B 108 -25.19 -26.40 -3.01
CA THR B 108 -23.94 -27.05 -3.42
C THR B 108 -24.13 -28.56 -3.67
N THR B 109 -24.74 -29.26 -2.73
CA THR B 109 -24.91 -30.70 -2.87
C THR B 109 -25.89 -31.05 -3.98
N SER B 110 -27.02 -30.36 -4.01
CA SER B 110 -28.11 -30.71 -4.92
C SER B 110 -27.81 -30.29 -6.37
N LEU B 111 -27.16 -29.14 -6.54
CA LEU B 111 -26.95 -28.58 -7.88
C LEU B 111 -25.48 -28.47 -8.32
N GLY B 112 -24.55 -28.58 -7.38
CA GLY B 112 -23.16 -28.31 -7.70
C GLY B 112 -22.88 -26.85 -8.00
N VAL B 113 -23.77 -25.97 -7.58
CA VAL B 113 -23.55 -24.53 -7.72
C VAL B 113 -24.29 -23.83 -6.60
N ARG B 114 -23.67 -22.79 -6.04
CA ARG B 114 -24.34 -21.99 -5.02
C ARG B 114 -24.00 -20.51 -5.12
N PHE B 115 -24.95 -19.71 -4.68
CA PHE B 115 -24.78 -18.27 -4.55
C PHE B 115 -23.60 -17.96 -3.63
N SER B 116 -22.72 -17.07 -4.07
CA SER B 116 -21.54 -16.71 -3.29
C SER B 116 -21.34 -15.20 -3.10
N GLY B 117 -22.33 -14.38 -3.43
CA GLY B 117 -22.20 -12.94 -3.28
C GLY B 117 -22.53 -12.17 -4.57
N MET B 118 -23.09 -10.99 -4.40
CA MET B 118 -23.50 -10.15 -5.52
C MET B 118 -23.37 -8.67 -5.14
N GLU B 119 -23.08 -7.86 -6.16
CA GLU B 119 -23.05 -6.41 -6.07
C GLU B 119 -23.84 -5.83 -7.23
N ARG B 120 -24.75 -4.90 -6.95
CA ARG B 120 -25.49 -4.21 -8.01
C ARG B 120 -25.36 -2.70 -7.80
N ASN B 121 -25.02 -1.99 -8.89
CA ASN B 121 -24.88 -0.53 -8.83
C ASN B 121 -25.98 0.10 -9.68
N ILE B 122 -26.95 0.67 -8.99
CA ILE B 122 -28.29 0.78 -9.50
C ILE B 122 -28.71 2.23 -9.82
N GLY B 123 -27.73 3.05 -10.14
CA GLY B 123 -27.99 4.38 -10.67
C GLY B 123 -26.87 5.30 -10.25
N GLU B 124 -27.16 6.11 -9.23
CA GLU B 124 -26.13 6.92 -8.58
C GLU B 124 -26.15 6.70 -7.08
N GLU B 125 -26.67 5.54 -6.65
CA GLU B 125 -26.72 5.19 -5.24
C GLU B 125 -25.42 4.49 -4.87
N LYS B 126 -25.21 4.26 -3.58
CA LYS B 126 -24.12 3.41 -3.11
C LYS B 126 -24.43 2.00 -3.61
N PRO B 127 -23.40 1.16 -3.85
CA PRO B 127 -23.73 -0.19 -4.32
C PRO B 127 -24.62 -0.96 -3.33
N ILE B 128 -25.43 -1.86 -3.85
CA ILE B 128 -26.21 -2.78 -3.02
C ILE B 128 -25.41 -4.07 -2.98
N LEU B 129 -25.04 -4.51 -1.78
CA LEU B 129 -24.24 -5.72 -1.64
C LEU B 129 -25.11 -6.82 -1.08
N TYR B 130 -24.88 -8.03 -1.59
CA TYR B 130 -25.66 -9.20 -1.21
C TYR B 130 -24.65 -10.21 -0.74
N SER B 131 -24.75 -10.59 0.54
CA SER B 131 -23.74 -11.43 1.18
C SER B 131 -23.80 -12.88 0.73
N ARG B 132 -22.64 -13.54 0.61
CA ARG B 132 -22.59 -15.00 0.44
C ARG B 132 -23.44 -15.77 1.47
N TYR B 133 -23.58 -15.21 2.67
CA TYR B 133 -24.33 -15.90 3.74
C TYR B 133 -25.83 -16.01 3.46
N LEU B 134 -26.31 -15.36 2.40
CA LEU B 134 -27.68 -15.55 1.92
C LEU B 134 -27.90 -16.99 1.44
N CYS B 135 -26.82 -17.67 1.06
CA CYS B 135 -26.92 -18.96 0.36
C CYS B 135 -27.54 -20.09 1.18
N THR B 136 -27.48 -19.97 2.51
CA THR B 136 -27.96 -21.01 3.41
C THR B 136 -29.38 -20.81 3.96
N HIS B 137 -30.09 -19.80 3.45
CA HIS B 137 -31.47 -19.56 3.87
C HIS B 137 -32.30 -18.83 2.82
N GLU B 138 -31.72 -17.85 2.13
CA GLU B 138 -32.45 -17.05 1.14
C GLU B 138 -32.27 -17.55 -0.30
N VAL B 139 -31.16 -18.22 -0.57
CA VAL B 139 -30.85 -18.70 -1.93
C VAL B 139 -30.55 -20.20 -1.93
N ASN B 140 -31.32 -20.94 -1.13
CA ASN B 140 -31.02 -22.34 -0.85
C ASN B 140 -31.91 -23.34 -1.62
N THR B 141 -32.49 -22.89 -2.72
CA THR B 141 -33.23 -23.76 -3.63
C THR B 141 -32.87 -23.38 -5.06
N ARG B 142 -33.18 -24.26 -6.00
CA ARG B 142 -32.99 -23.93 -7.41
C ARG B 142 -33.81 -22.71 -7.80
N ASP B 143 -35.06 -22.68 -7.34
CA ASP B 143 -35.92 -21.54 -7.67
C ASP B 143 -35.38 -20.22 -7.13
N SER B 144 -34.93 -20.20 -5.89
CA SER B 144 -34.36 -18.96 -5.34
C SER B 144 -33.04 -18.57 -6.00
N LEU B 145 -32.20 -19.55 -6.35
CA LEU B 145 -30.97 -19.26 -7.08
C LEU B 145 -31.31 -18.64 -8.43
N LYS B 146 -32.28 -19.21 -9.13
CA LYS B 146 -32.73 -18.61 -10.38
C LYS B 146 -33.22 -17.18 -10.19
N GLU B 147 -33.99 -16.93 -9.12
CA GLU B 147 -34.47 -15.57 -8.86
C GLU B 147 -33.35 -14.59 -8.60
N TYR B 148 -32.32 -15.03 -7.88
CA TYR B 148 -31.18 -14.16 -7.57
C TYR B 148 -30.33 -13.90 -8.82
N ILE B 149 -30.22 -14.88 -9.70
CA ILE B 149 -29.52 -14.68 -10.98
C ILE B 149 -30.29 -13.69 -11.85
N LYS B 150 -31.61 -13.77 -11.84
CA LYS B 150 -32.44 -12.80 -12.57
C LYS B 150 -32.23 -11.39 -12.01
N LEU B 151 -32.10 -11.29 -10.68
CA LEU B 151 -31.79 -10.00 -10.06
C LEU B 151 -30.45 -9.43 -10.49
N PHE B 152 -29.44 -10.29 -10.65
CA PHE B 152 -28.17 -9.88 -11.25
C PHE B 152 -28.38 -9.20 -12.60
N PHE B 153 -29.26 -9.77 -13.43
CA PHE B 153 -29.54 -9.24 -14.78
C PHE B 153 -30.50 -8.04 -14.78
N ASN B 154 -30.98 -7.68 -13.61
CA ASN B 154 -31.84 -6.50 -13.41
C ASN B 154 -30.93 -5.32 -13.10
N ASP B 155 -30.79 -4.40 -14.05
CA ASP B 155 -29.90 -3.24 -13.88
C ASP B 155 -30.48 -2.07 -13.07
N GLY B 156 -31.65 -2.26 -12.49
CA GLY B 156 -32.35 -1.24 -11.75
C GLY B 156 -33.50 -0.66 -12.54
N LYS B 157 -33.45 -0.80 -13.86
CA LYS B 157 -34.50 -0.31 -14.77
C LYS B 157 -35.18 -1.45 -15.54
N LYS B 158 -34.38 -2.40 -16.03
CA LYS B 158 -34.91 -3.50 -16.84
C LYS B 158 -34.05 -4.74 -16.67
N TYR B 159 -34.57 -5.89 -17.07
CA TYR B 159 -33.76 -7.11 -17.19
C TYR B 159 -32.96 -7.05 -18.49
N ARG B 160 -31.65 -7.21 -18.37
CA ARG B 160 -30.73 -7.12 -19.51
C ARG B 160 -30.68 -8.47 -20.22
N LYS B 161 -31.82 -8.84 -20.77
CA LYS B 161 -32.01 -10.15 -21.38
C LYS B 161 -31.10 -10.39 -22.59
N GLU B 162 -30.61 -9.33 -23.20
CA GLU B 162 -29.71 -9.45 -24.35
C GLU B 162 -28.32 -9.98 -23.99
N LEU B 163 -27.96 -9.93 -22.71
CA LEU B 163 -26.67 -10.43 -22.23
C LEU B 163 -26.70 -11.92 -21.92
N VAL B 164 -27.88 -12.51 -21.73
CA VAL B 164 -27.94 -13.90 -21.26
C VAL B 164 -27.30 -14.90 -22.25
N PRO B 165 -27.51 -14.73 -23.57
CA PRO B 165 -26.86 -15.66 -24.50
C PRO B 165 -25.33 -15.73 -24.38
N TYR B 166 -24.68 -14.59 -24.10
CA TYR B 166 -23.24 -14.57 -23.89
C TYR B 166 -22.86 -15.48 -22.74
N PHE B 167 -23.60 -15.37 -21.63
CA PHE B 167 -23.30 -16.17 -20.45
C PHE B 167 -23.47 -17.66 -20.71
N ILE B 168 -24.51 -18.04 -21.46
CA ILE B 168 -24.70 -19.43 -21.82
C ILE B 168 -23.56 -19.94 -22.70
N SER B 169 -23.15 -19.13 -23.68
CA SER B 169 -22.04 -19.49 -24.58
C SER B 169 -20.75 -19.71 -23.80
N GLN B 170 -20.49 -18.85 -22.82
CA GLN B 170 -19.32 -19.00 -21.94
C GLN B 170 -19.38 -20.30 -21.15
N LEU B 171 -20.52 -20.59 -20.55
CA LEU B 171 -20.67 -21.85 -19.81
C LEU B 171 -20.43 -23.05 -20.72
N ASP B 172 -20.91 -22.97 -21.96
CA ASP B 172 -20.70 -24.06 -22.92
C ASP B 172 -19.20 -24.31 -23.17
N LYS B 173 -18.42 -23.24 -23.29
CA LYS B 173 -16.98 -23.36 -23.46
C LYS B 173 -16.28 -23.98 -22.25
N MET B 174 -16.74 -23.59 -21.07
CA MET B 174 -16.20 -24.14 -19.82
C MET B 174 -16.51 -25.63 -19.71
N ILE B 175 -17.75 -26.00 -20.04
CA ILE B 175 -18.15 -27.40 -20.07
C ILE B 175 -17.26 -28.20 -21.01
N GLU B 176 -17.01 -27.68 -22.20
CA GLU B 176 -16.19 -28.43 -23.15
C GLU B 176 -14.77 -28.70 -22.64
N VAL B 177 -14.15 -27.72 -21.99
CA VAL B 177 -12.79 -27.94 -21.46
C VAL B 177 -12.80 -28.88 -20.25
N MET B 178 -13.78 -28.72 -19.37
CA MET B 178 -13.82 -29.47 -18.14
C MET B 178 -14.29 -30.92 -18.34
N LYS B 179 -14.86 -31.22 -19.52
CA LYS B 179 -15.22 -32.60 -19.88
C LYS B 179 -14.00 -33.53 -19.90
N LYS B 180 -12.82 -32.95 -20.13
CA LYS B 180 -11.59 -33.72 -20.26
C LYS B 180 -11.07 -34.26 -18.93
N ARG B 181 -11.54 -33.67 -17.82
CA ARG B 181 -11.26 -34.17 -16.47
C ARG B 181 -9.76 -34.26 -16.18
N GLU B 182 -9.04 -33.20 -16.53
CA GLU B 182 -7.60 -33.09 -16.28
C GLU B 182 -7.26 -32.37 -14.97
N TYR B 183 -8.25 -31.72 -14.37
CA TYR B 183 -8.08 -30.99 -13.11
C TYR B 183 -9.23 -31.35 -12.20
N LYS B 184 -8.99 -31.24 -10.90
CA LYS B 184 -10.07 -31.15 -9.95
C LYS B 184 -10.00 -29.79 -9.30
N MET B 185 -11.17 -29.15 -9.17
CA MET B 185 -11.26 -27.79 -8.67
C MET B 185 -12.29 -27.74 -7.58
N PHE B 186 -11.88 -27.32 -6.39
CA PHE B 186 -12.76 -27.25 -5.23
C PHE B 186 -12.86 -25.78 -4.79
N SER B 187 -14.07 -25.33 -4.49
CA SER B 187 -14.29 -23.95 -4.06
C SER B 187 -13.92 -22.86 -5.10
N SER B 188 -13.73 -23.24 -6.36
N SER B 188 -13.76 -23.23 -6.37
CA SER B 188 -13.59 -22.25 -7.44
CA SER B 188 -13.59 -22.24 -7.42
C SER B 188 -14.96 -21.69 -7.78
C SER B 188 -14.96 -21.75 -7.87
N SER B 189 -14.97 -20.63 -8.58
CA SER B 189 -16.20 -19.93 -8.93
C SER B 189 -16.29 -19.63 -10.42
N VAL B 190 -17.52 -19.38 -10.85
CA VAL B 190 -17.75 -18.67 -12.10
C VAL B 190 -18.17 -17.27 -11.69
N LEU B 191 -17.43 -16.29 -12.18
CA LEU B 191 -17.72 -14.88 -11.95
C LEU B 191 -18.47 -14.32 -13.14
N PHE B 192 -19.63 -13.71 -12.87
CA PHE B 192 -20.41 -12.99 -13.86
C PHE B 192 -20.24 -11.49 -13.59
N VAL B 193 -19.87 -10.72 -14.61
CA VAL B 193 -19.83 -9.26 -14.47
C VAL B 193 -20.41 -8.55 -15.69
N TYR B 194 -21.01 -7.38 -15.46
CA TYR B 194 -21.26 -6.44 -16.54
C TYR B 194 -21.30 -5.02 -16.00
N ASP B 195 -21.15 -4.09 -16.93
CA ASP B 195 -21.29 -2.67 -16.67
C ASP B 195 -22.64 -2.30 -17.24
N SER B 196 -23.57 -1.81 -16.42
CA SER B 196 -24.91 -1.50 -16.91
C SER B 196 -24.93 -0.41 -17.99
N THR B 197 -23.85 0.36 -18.08
CA THR B 197 -23.70 1.34 -19.15
C THR B 197 -23.21 0.71 -20.47
N THR B 198 -22.99 -0.59 -20.49
CA THR B 198 -22.59 -1.30 -21.73
C THR B 198 -23.60 -1.10 -22.84
N THR B 199 -23.08 -0.98 -24.06
CA THR B 199 -23.84 -0.77 -25.27
C THR B 199 -23.25 -1.64 -26.34
N LEU B 200 -23.91 -1.71 -27.48
CA LEU B 200 -23.44 -2.51 -28.61
C LEU B 200 -22.10 -2.00 -29.16
N GLU B 201 -21.85 -0.70 -28.98
CA GLU B 201 -20.62 -0.05 -29.47
C GLU B 201 -19.46 -0.21 -28.49
N ASP B 202 -19.79 -0.33 -27.20
CA ASP B 202 -18.80 -0.54 -26.16
C ASP B 202 -19.26 -1.69 -25.26
N LYS B 203 -18.88 -2.91 -25.64
CA LYS B 203 -19.31 -4.12 -24.93
C LYS B 203 -18.50 -4.33 -23.65
N LYS B 204 -19.18 -4.42 -22.51
CA LYS B 204 -18.53 -4.51 -21.21
C LYS B 204 -19.24 -5.54 -20.36
N TYR B 205 -18.91 -6.80 -20.58
CA TYR B 205 -19.43 -7.91 -19.80
C TYR B 205 -18.50 -9.09 -19.93
N ASN B 206 -18.54 -9.97 -18.94
CA ASN B 206 -17.60 -11.07 -18.88
C ASN B 206 -18.11 -12.18 -17.99
N CYS B 207 -17.66 -13.39 -18.28
CA CYS B 207 -18.00 -14.58 -17.51
C CYS B 207 -16.75 -15.43 -17.53
N LYS B 208 -16.15 -15.65 -16.37
CA LYS B 208 -14.88 -16.36 -16.24
C LYS B 208 -14.88 -17.32 -15.09
N MET B 209 -14.18 -18.45 -15.25
CA MET B 209 -13.79 -19.27 -14.11
C MET B 209 -12.65 -18.58 -13.39
N ILE B 210 -12.73 -18.55 -12.06
CA ILE B 210 -11.74 -17.92 -11.19
C ILE B 210 -11.54 -18.69 -9.89
N ASP B 211 -10.43 -18.37 -9.19
CA ASP B 211 -10.19 -18.81 -7.81
C ASP B 211 -9.75 -20.27 -7.76
N PHE B 212 -8.47 -20.49 -8.07
CA PHE B 212 -7.92 -21.82 -8.25
C PHE B 212 -6.97 -22.22 -7.13
N ALA B 213 -7.24 -21.71 -5.93
CA ALA B 213 -6.46 -22.02 -4.73
C ALA B 213 -6.56 -23.49 -4.30
N HIS B 214 -7.56 -24.20 -4.78
CA HIS B 214 -7.71 -25.62 -4.49
C HIS B 214 -7.88 -26.45 -5.76
N ASN B 215 -7.01 -26.15 -6.73
CA ASN B 215 -6.93 -26.90 -7.97
C ASN B 215 -5.86 -27.98 -7.90
N TRP B 216 -6.21 -29.16 -8.42
CA TRP B 216 -5.33 -30.30 -8.46
C TRP B 216 -5.06 -30.64 -9.92
N ILE B 217 -3.77 -30.70 -10.27
CA ILE B 217 -3.33 -31.03 -11.63
C ILE B 217 -3.11 -32.55 -11.68
N LEU B 218 -4.05 -33.26 -12.29
CA LEU B 218 -4.12 -34.72 -12.10
C LEU B 218 -2.95 -35.47 -12.71
N SER B 219 -2.30 -34.86 -13.70
CA SER B 219 -1.08 -35.45 -14.30
C SER B 219 0.14 -35.38 -13.36
N GLU B 220 0.09 -34.50 -12.37
CA GLU B 220 1.21 -34.28 -11.44
C GLU B 220 0.90 -34.72 -10.01
N GLU B 221 -0.37 -34.92 -9.70
CA GLU B 221 -0.76 -35.21 -8.33
C GLU B 221 -2.07 -35.95 -8.28
N GLU B 222 -2.20 -36.82 -7.28
CA GLU B 222 -3.38 -37.62 -7.11
C GLU B 222 -4.46 -36.89 -6.32
N CYS B 223 -5.70 -37.01 -6.77
CA CYS B 223 -6.85 -36.54 -6.01
C CYS B 223 -8.03 -37.44 -6.34
N THR B 224 -8.39 -38.32 -5.41
CA THR B 224 -9.42 -39.32 -5.69
C THR B 224 -10.84 -38.80 -5.49
N VAL B 225 -11.04 -37.86 -4.57
CA VAL B 225 -12.39 -37.35 -4.30
C VAL B 225 -12.91 -36.53 -5.49
N GLU B 226 -14.22 -36.56 -5.69
CA GLU B 226 -14.86 -35.93 -6.84
C GLU B 226 -15.23 -34.48 -6.53
N ASP B 227 -15.10 -33.61 -7.53
CA ASP B 227 -15.43 -32.19 -7.35
C ASP B 227 -16.84 -31.80 -7.81
N GLY B 228 -17.45 -32.59 -8.70
CA GLY B 228 -18.82 -32.26 -9.17
C GLY B 228 -18.86 -30.99 -10.00
N PHE B 229 -17.72 -30.62 -10.57
CA PHE B 229 -17.63 -29.36 -11.26
C PHE B 229 -18.48 -29.34 -12.53
N LEU B 230 -18.35 -30.37 -13.35
CA LEU B 230 -19.11 -30.46 -14.59
C LEU B 230 -20.62 -30.51 -14.31
N PHE B 231 -20.97 -31.23 -13.26
CA PHE B 231 -22.38 -31.27 -12.78
C PHE B 231 -22.87 -29.87 -12.44
N GLY B 232 -22.06 -29.09 -11.73
CA GLY B 232 -22.40 -27.71 -11.37
C GLY B 232 -22.59 -26.83 -12.59
N LEU B 233 -21.65 -26.92 -13.54
CA LEU B 233 -21.73 -26.15 -14.78
C LEU B 233 -22.98 -26.48 -15.57
N ASN B 234 -23.31 -27.77 -15.67
CA ASN B 234 -24.52 -28.17 -16.39
C ASN B 234 -25.80 -27.62 -15.75
N ASN B 235 -25.86 -27.67 -14.42
CA ASN B 235 -27.02 -27.13 -13.71
C ASN B 235 -27.12 -25.62 -13.82
N LEU B 236 -25.99 -24.93 -13.75
CA LEU B 236 -25.97 -23.48 -13.96
C LEU B 236 -26.47 -23.13 -15.37
N LYS B 237 -25.98 -23.87 -16.37
CA LYS B 237 -26.42 -23.64 -17.74
C LYS B 237 -27.93 -23.82 -17.85
N SER B 238 -28.45 -24.88 -17.21
CA SER B 238 -29.87 -25.18 -17.25
C SER B 238 -30.69 -24.03 -16.67
N ILE B 239 -30.22 -23.48 -15.55
CA ILE B 239 -30.87 -22.32 -14.94
C ILE B 239 -30.85 -21.12 -15.90
N LEU B 240 -29.72 -20.86 -16.55
CA LEU B 240 -29.64 -19.73 -17.49
C LEU B 240 -30.59 -19.92 -18.68
N GLU B 241 -30.73 -21.16 -19.16
CA GLU B 241 -31.68 -21.46 -20.24
C GLU B 241 -33.12 -21.16 -19.81
N ASP B 242 -33.46 -21.57 -18.58
CA ASP B 242 -34.76 -21.27 -17.99
C ASP B 242 -34.99 -19.74 -17.90
N ILE B 243 -33.96 -19.00 -17.50
CA ILE B 243 -34.06 -17.54 -17.41
C ILE B 243 -34.30 -16.94 -18.81
N GLU B 244 -33.54 -17.39 -19.78
CA GLU B 244 -33.72 -16.96 -21.17
C GLU B 244 -35.17 -17.14 -21.64
N ASN B 245 -35.74 -18.30 -21.34
CA ASN B 245 -37.12 -18.59 -21.71
C ASN B 245 -38.11 -17.71 -20.96
N GLU B 246 -37.85 -17.49 -19.68
CA GLU B 246 -38.67 -16.62 -18.84
C GLU B 246 -38.60 -15.15 -19.29
N PHE B 247 -37.43 -14.72 -19.77
CA PHE B 247 -37.27 -13.35 -20.27
C PHE B 247 -37.93 -13.11 -21.64
N LYS B 248 -38.33 -14.17 -22.34
CA LYS B 248 -38.99 -14.05 -23.66
C LYS B 248 -40.27 -13.22 -23.65
N SER B 249 -40.98 -13.21 -22.53
CA SER B 249 -42.23 -12.44 -22.42
C SER B 249 -41.98 -10.93 -22.30
N LEU B 250 -40.72 -10.53 -22.05
CA LEU B 250 -40.37 -9.11 -21.93
C LEU B 250 -40.32 -8.37 -23.26
#